data_3GRO
#
_entry.id   3GRO
#
_cell.length_a   53.710
_cell.length_b   90.642
_cell.length_c   129.165
_cell.angle_alpha   90.000
_cell.angle_beta   90.000
_cell.angle_gamma   90.000
#
_symmetry.space_group_name_H-M   'P 21 21 21'
#
loop_
_entity.id
_entity.type
_entity.pdbx_description
1 polymer 'Palmitoyl-protein thioesterase 1'
2 non-polymer 'UNKNOWN ATOM OR ION'
3 water water
#
_entity_poly.entity_id   1
_entity_poly.type   'polypeptide(L)'
_entity_poly.pdbx_seq_one_letter_code
;ARALQHLDPPAPLPLVIWHG(MSE)GDSCCNPLS(MSE)GAIKK(MSE)VEKKIPGIYVLSLEIGKTL(MSE)EDVENSF
FLNVNSQVTTVCQALAKDPKLQQGYNA(MSE)GFSQGGQFLRAVAQRCPSPP(MSE)INLISVGGQHQGVFGLPRCPGES
SHICDFIRKTLNAGAYSKVVQERLVQAEYWHDPIKEDVYRNHSIFLADINQERGINESYKKNL(MSE)ALKKFV(MSE)V
KFLNDSIVDPVDSEWFGFYRSGQAKETIPLQETSLYTQDRLGLKE(MSE)DNAGQLVFLATEGDHLQLSEEWFYAHIIPF
LGEFVEHHHHHHHH
;
_entity_poly.pdbx_strand_id   A,B
#
# COMPACT_ATOMS: atom_id res chain seq x y z
N PRO A 10 -4.11 39.29 -20.55
CA PRO A 10 -3.90 37.91 -21.02
C PRO A 10 -3.21 37.04 -19.95
N ALA A 11 -3.96 36.10 -19.37
CA ALA A 11 -3.47 35.27 -18.26
C ALA A 11 -2.81 33.95 -18.74
N PRO A 12 -1.96 33.35 -17.90
CA PRO A 12 -1.45 32.02 -18.21
C PRO A 12 -2.54 30.98 -17.94
N LEU A 13 -2.56 29.92 -18.73
CA LEU A 13 -3.50 28.81 -18.52
C LEU A 13 -3.18 28.07 -17.22
N PRO A 14 -4.23 27.62 -16.50
CA PRO A 14 -4.04 26.77 -15.34
C PRO A 14 -3.34 25.48 -15.74
N LEU A 15 -2.61 24.90 -14.79
CA LEU A 15 -1.94 23.60 -14.94
C LEU A 15 -2.54 22.60 -13.95
N VAL A 16 -2.98 21.45 -14.47
CA VAL A 16 -3.40 20.32 -13.65
C VAL A 16 -2.28 19.28 -13.64
N ILE A 17 -1.85 18.85 -12.46
CA ILE A 17 -0.80 17.82 -12.33
C ILE A 17 -1.38 16.53 -11.79
N TRP A 18 -1.00 15.41 -12.41
CA TRP A 18 -1.36 14.08 -11.89
C TRP A 18 -0.08 13.30 -11.64
N HIS A 19 0.14 12.97 -10.37
CA HIS A 19 1.31 12.26 -9.92
C HIS A 19 1.33 10.80 -10.38
N GLY A 20 2.47 10.15 -10.21
CA GLY A 20 2.64 8.76 -10.57
C GLY A 20 2.49 7.85 -9.38
N GLY A 22 3.29 5.34 -6.21
CA GLY A 22 4.11 5.48 -4.99
C GLY A 22 4.38 6.92 -4.58
N ASP A 23 3.52 7.84 -5.04
CA ASP A 23 3.72 9.27 -4.85
C ASP A 23 2.37 9.90 -4.53
N SER A 24 2.38 11.14 -4.04
CA SER A 24 1.16 11.86 -3.72
C SER A 24 1.11 13.19 -4.50
N CYS A 25 0.07 13.98 -4.25
CA CYS A 25 -0.09 15.32 -4.87
C CYS A 25 0.92 16.33 -4.38
N CYS A 26 1.37 16.17 -3.13
CA CYS A 26 1.83 17.30 -2.34
C CYS A 26 3.10 17.01 -1.51
N ASN A 27 3.95 16.11 -2.00
CA ASN A 27 5.24 15.87 -1.36
C ASN A 27 6.16 17.00 -1.79
N PRO A 28 6.73 17.74 -0.82
CA PRO A 28 7.61 18.86 -1.17
C PRO A 28 8.79 18.46 -2.07
N LEU A 29 9.26 17.22 -1.92
CA LEU A 29 10.41 16.71 -2.71
C LEU A 29 10.02 16.18 -4.10
N SER A 30 8.72 16.06 -4.39
CA SER A 30 8.26 15.52 -5.68
C SER A 30 7.32 16.49 -6.42
N GLY A 32 5.39 18.73 -5.11
CA GLY A 32 5.52 20.03 -4.46
C GLY A 32 6.56 20.88 -5.16
N ALA A 33 7.72 20.26 -5.44
CA ALA A 33 8.84 20.92 -6.11
C ALA A 33 8.50 21.31 -7.56
N ILE A 34 7.71 20.50 -8.24
CA ILE A 34 7.27 20.82 -9.59
C ILE A 34 6.36 22.04 -9.56
N LYS A 35 5.44 22.07 -8.58
CA LYS A 35 4.47 23.16 -8.42
C LYS A 35 5.18 24.51 -8.14
N LYS A 36 6.12 24.49 -7.20
CA LYS A 36 6.90 25.71 -6.88
C LYS A 36 7.72 26.14 -8.08
N VAL A 38 7.15 25.66 -11.24
CA VAL A 38 6.29 26.26 -12.26
C VAL A 38 5.78 27.64 -11.83
N GLU A 39 5.45 27.78 -10.55
CA GLU A 39 4.92 29.05 -10.01
C GLU A 39 5.95 30.20 -10.05
N LYS A 40 7.23 29.86 -9.93
CA LYS A 40 8.30 30.86 -9.98
C LYS A 40 8.48 31.42 -11.39
N LYS A 41 8.44 30.55 -12.40
CA LYS A 41 8.71 30.95 -13.80
C LYS A 41 7.47 31.39 -14.58
N ILE A 42 6.27 31.21 -14.01
CA ILE A 42 5.02 31.69 -14.62
C ILE A 42 4.14 32.28 -13.52
N PRO A 43 4.28 33.59 -13.23
CA PRO A 43 3.62 34.14 -12.03
C PRO A 43 2.11 34.28 -12.16
N GLY A 44 1.39 33.98 -11.08
CA GLY A 44 -0.08 34.02 -11.07
C GLY A 44 -0.74 32.75 -11.62
N ILE A 45 0.06 31.79 -12.06
CA ILE A 45 -0.49 30.54 -12.58
C ILE A 45 -1.19 29.77 -11.46
N TYR A 46 -2.35 29.19 -11.78
CA TYR A 46 -3.05 28.33 -10.84
C TYR A 46 -2.67 26.89 -11.14
N VAL A 47 -2.16 26.19 -10.14
CA VAL A 47 -1.70 24.81 -10.31
C VAL A 47 -2.52 23.90 -9.38
N LEU A 48 -3.26 22.96 -9.98
CA LEU A 48 -4.00 21.94 -9.24
C LEU A 48 -3.26 20.60 -9.33
N SER A 49 -2.75 20.12 -8.20
CA SER A 49 -2.11 18.81 -8.14
C SER A 49 -3.13 17.81 -7.65
N LEU A 50 -3.53 16.89 -8.50
CA LEU A 50 -4.66 16.01 -8.23
C LEU A 50 -4.36 15.06 -7.06
N GLU A 51 -5.33 14.96 -6.15
CA GLU A 51 -5.28 14.04 -5.01
C GLU A 51 -6.46 13.11 -5.11
N ILE A 52 -6.20 11.82 -5.14
CA ILE A 52 -7.24 10.82 -5.18
C ILE A 52 -7.25 10.10 -3.84
N GLY A 53 -8.04 10.63 -2.92
CA GLY A 53 -8.07 10.15 -1.54
C GLY A 53 -8.17 11.30 -0.57
N LYS A 54 -8.57 11.00 0.67
CA LYS A 54 -8.75 12.02 1.72
C LYS A 54 -7.42 12.47 2.33
N THR A 55 -6.42 11.61 2.37
CA THR A 55 -5.11 11.95 2.94
C THR A 55 -3.98 11.65 1.96
N LEU A 56 -2.78 12.12 2.26
CA LEU A 56 -1.63 11.87 1.38
C LEU A 56 -1.27 10.39 1.34
N GLU A 58 -3.46 7.86 1.71
CA GLU A 58 -4.49 7.20 0.89
C GLU A 58 -4.26 7.49 -0.59
N ASP A 59 -3.82 8.70 -0.90
CA ASP A 59 -3.42 9.04 -2.25
C ASP A 59 -2.33 8.07 -2.77
N VAL A 60 -1.34 7.79 -1.94
CA VAL A 60 -0.26 6.88 -2.30
C VAL A 60 -0.77 5.43 -2.50
N GLU A 61 -1.58 4.91 -1.59
CA GLU A 61 -2.07 3.54 -1.78
C GLU A 61 -3.15 3.41 -2.87
N ASN A 62 -3.90 4.48 -3.09
CA ASN A 62 -4.80 4.49 -4.25
C ASN A 62 -4.07 4.49 -5.60
N SER A 63 -2.83 4.96 -5.63
CA SER A 63 -2.01 4.87 -6.86
C SER A 63 -1.62 3.41 -7.22
N PHE A 64 -1.78 2.49 -6.26
CA PHE A 64 -1.60 1.05 -6.52
C PHE A 64 -2.90 0.29 -6.57
N PHE A 65 -3.92 0.72 -5.82
CA PHE A 65 -5.07 -0.17 -5.51
C PHE A 65 -6.49 0.34 -5.83
N LEU A 66 -6.62 1.54 -6.42
CA LEU A 66 -7.93 2.04 -6.83
C LEU A 66 -8.09 1.96 -8.36
N ASN A 67 -9.15 1.28 -8.78
CA ASN A 67 -9.52 1.13 -10.19
C ASN A 67 -9.42 2.44 -10.95
N VAL A 68 -8.57 2.45 -11.97
CA VAL A 68 -8.26 3.67 -12.72
C VAL A 68 -9.47 4.27 -13.42
N ASN A 69 -10.38 3.43 -13.90
CA ASN A 69 -11.61 3.95 -14.49
C ASN A 69 -12.38 4.83 -13.48
N SER A 70 -12.43 4.42 -12.19
CA SER A 70 -13.02 5.28 -11.13
C SER A 70 -12.18 6.53 -10.90
N GLN A 71 -10.87 6.38 -10.91
CA GLN A 71 -10.00 7.51 -10.69
C GLN A 71 -10.27 8.57 -11.74
N VAL A 72 -10.38 8.14 -12.99
CA VAL A 72 -10.65 9.05 -14.10
C VAL A 72 -11.99 9.75 -13.93
N THR A 73 -13.03 9.03 -13.52
CA THR A 73 -14.33 9.66 -13.26
C THR A 73 -14.23 10.71 -12.16
N THR A 74 -13.53 10.37 -11.09
CA THR A 74 -13.35 11.28 -9.95
C THR A 74 -12.65 12.58 -10.35
N VAL A 75 -11.62 12.44 -11.17
CA VAL A 75 -10.90 13.58 -11.69
C VAL A 75 -11.77 14.40 -12.67
N CYS A 76 -12.56 13.74 -13.53
CA CYS A 76 -13.50 14.48 -14.40
C CYS A 76 -14.49 15.34 -13.57
N GLN A 77 -15.03 14.75 -12.51
CA GLN A 77 -15.93 15.47 -11.61
C GLN A 77 -15.22 16.66 -10.94
N ALA A 78 -13.97 16.45 -10.53
CA ALA A 78 -13.20 17.52 -9.90
C ALA A 78 -12.94 18.67 -10.88
N LEU A 79 -12.57 18.33 -12.12
CA LEU A 79 -12.28 19.34 -13.15
C LEU A 79 -13.53 20.12 -13.57
N ALA A 80 -14.68 19.44 -13.59
CA ALA A 80 -15.94 20.07 -13.90
C ALA A 80 -16.35 21.10 -12.80
N LYS A 81 -15.91 20.86 -11.55
CA LYS A 81 -16.26 21.69 -10.40
C LYS A 81 -15.34 22.87 -10.11
N ASP A 82 -14.18 22.94 -10.76
CA ASP A 82 -13.18 23.96 -10.46
C ASP A 82 -13.31 25.15 -11.43
N PRO A 83 -13.83 26.31 -10.94
CA PRO A 83 -14.12 27.41 -11.87
C PRO A 83 -12.91 27.99 -12.61
N LYS A 84 -11.72 27.78 -12.07
CA LYS A 84 -10.48 28.34 -12.67
C LYS A 84 -10.04 27.60 -13.96
N LEU A 85 -10.68 26.47 -14.26
CA LEU A 85 -10.34 25.63 -15.40
C LEU A 85 -11.39 25.74 -16.53
N GLN A 86 -12.45 26.50 -16.30
CA GLN A 86 -13.58 26.60 -17.25
C GLN A 86 -13.14 26.96 -18.65
N GLN A 87 -12.23 27.92 -18.77
CA GLN A 87 -11.77 28.38 -20.07
C GLN A 87 -10.63 27.50 -20.63
N GLY A 88 -10.30 26.41 -19.93
CA GLY A 88 -9.32 25.45 -20.42
C GLY A 88 -8.07 25.39 -19.55
N TYR A 89 -7.36 24.27 -19.63
CA TYR A 89 -6.21 24.04 -18.77
C TYR A 89 -5.16 23.28 -19.53
N ASN A 90 -3.93 23.36 -19.03
CA ASN A 90 -2.86 22.47 -19.43
C ASN A 90 -2.73 21.37 -18.41
N ALA A 91 -2.33 20.18 -18.85
CA ALA A 91 -2.25 19.03 -17.97
C ALA A 91 -0.87 18.42 -18.08
N GLY A 93 1.16 14.95 -16.60
CA GLY A 93 1.18 13.69 -15.86
C GLY A 93 2.59 13.17 -15.68
N PHE A 94 2.87 12.66 -14.49
CA PHE A 94 4.15 12.04 -14.21
C PHE A 94 3.96 10.54 -14.10
N SER A 95 4.80 9.80 -14.82
CA SER A 95 4.72 8.35 -14.83
C SER A 95 3.26 7.93 -15.17
N GLN A 96 2.67 6.99 -14.44
CA GLN A 96 1.34 6.50 -14.79
C GLN A 96 0.28 7.62 -14.92
N GLY A 97 0.49 8.76 -14.24
CA GLY A 97 -0.36 9.95 -14.41
C GLY A 97 -0.42 10.46 -15.85
N GLY A 98 0.63 10.20 -16.63
CA GLY A 98 0.62 10.50 -18.05
C GLY A 98 -0.50 9.81 -18.83
N GLN A 99 -0.59 8.49 -18.72
CA GLN A 99 -1.68 7.77 -19.41
C GLN A 99 -3.03 8.03 -18.77
N PHE A 100 -3.04 8.41 -17.50
CA PHE A 100 -4.31 8.73 -16.83
C PHE A 100 -4.87 10.03 -17.35
N LEU A 101 -4.01 11.05 -17.47
CA LEU A 101 -4.44 12.33 -18.05
C LEU A 101 -4.80 12.21 -19.54
N ARG A 102 -4.16 11.31 -20.26
CA ARG A 102 -4.59 11.03 -21.62
C ARG A 102 -6.01 10.48 -21.60
N ALA A 103 -6.29 9.60 -20.64
CA ALA A 103 -7.61 9.02 -20.46
C ALA A 103 -8.66 10.10 -20.21
N VAL A 104 -8.30 11.07 -19.35
CA VAL A 104 -9.16 12.24 -19.10
C VAL A 104 -9.42 13.06 -20.38
N ALA A 105 -8.41 13.20 -21.22
CA ALA A 105 -8.55 13.93 -22.47
C ALA A 105 -9.54 13.23 -23.37
N GLN A 106 -9.45 11.90 -23.43
CA GLN A 106 -10.32 11.10 -24.31
C GLN A 106 -11.77 10.96 -23.81
N ARG A 107 -11.95 10.91 -22.49
CA ARG A 107 -13.26 10.56 -21.87
C ARG A 107 -14.08 11.75 -21.40
N CYS A 108 -13.42 12.78 -20.89
CA CYS A 108 -14.09 14.03 -20.56
C CYS A 108 -13.34 15.23 -21.19
N PRO A 109 -13.71 15.60 -22.43
CA PRO A 109 -12.99 16.63 -23.14
C PRO A 109 -13.41 18.04 -22.69
N SER A 110 -14.13 18.13 -21.59
CA SER A 110 -14.81 19.35 -21.18
C SER A 110 -14.75 19.55 -19.63
N PRO A 111 -14.09 20.62 -19.15
CA PRO A 111 -13.44 21.71 -19.87
C PRO A 111 -12.24 21.27 -20.70
N PRO A 112 -11.83 22.08 -21.68
CA PRO A 112 -10.84 21.65 -22.64
C PRO A 112 -9.44 21.58 -22.07
N ILE A 114 -5.72 21.68 -23.18
CA ILE A 114 -5.09 22.36 -24.32
C ILE A 114 -3.74 21.68 -24.66
N ASN A 115 -2.79 21.66 -23.72
CA ASN A 115 -1.56 20.86 -23.87
C ASN A 115 -1.49 19.74 -22.85
N LEU A 116 -1.41 18.50 -23.33
CA LEU A 116 -1.13 17.35 -22.47
C LEU A 116 0.38 17.14 -22.48
N ILE A 117 1.01 17.20 -21.30
CA ILE A 117 2.44 16.93 -21.17
C ILE A 117 2.61 15.64 -20.38
N SER A 118 3.24 14.64 -21.00
CA SER A 118 3.44 13.32 -20.41
C SER A 118 4.91 13.16 -20.04
N VAL A 119 5.18 13.01 -18.74
CA VAL A 119 6.55 12.91 -18.24
C VAL A 119 6.83 11.48 -17.81
N GLY A 120 7.42 10.73 -18.73
CA GLY A 120 7.76 9.34 -18.49
C GLY A 120 6.53 8.47 -18.36
N GLY A 121 5.47 8.82 -19.09
CA GLY A 121 4.21 8.07 -19.07
C GLY A 121 4.38 6.73 -19.76
N GLN A 122 3.42 5.84 -19.63
CA GLN A 122 3.51 4.53 -20.26
C GLN A 122 2.27 4.34 -21.11
N HIS A 123 2.31 4.89 -22.31
CA HIS A 123 1.12 4.97 -23.13
C HIS A 123 0.77 3.66 -23.83
N GLN A 124 1.74 2.76 -23.95
CA GLN A 124 1.46 1.38 -24.38
C GLN A 124 1.56 0.40 -23.22
N GLY A 125 1.60 0.93 -22.00
CA GLY A 125 1.68 0.13 -20.80
C GLY A 125 3.10 -0.33 -20.56
N VAL A 126 3.21 -1.41 -19.80
CA VAL A 126 4.49 -1.95 -19.39
C VAL A 126 4.42 -3.47 -19.42
N PHE A 127 5.57 -4.13 -19.51
CA PHE A 127 5.60 -5.60 -19.43
C PHE A 127 6.68 -6.04 -18.45
N GLY A 128 6.67 -5.41 -17.28
CA GLY A 128 7.70 -5.64 -16.29
C GLY A 128 7.66 -4.52 -15.30
N LEU A 129 8.20 -4.80 -14.12
CA LEU A 129 8.15 -3.88 -13.00
C LEU A 129 9.41 -4.05 -12.15
N PRO A 130 10.58 -3.75 -12.73
CA PRO A 130 11.84 -4.05 -12.03
C PRO A 130 12.09 -3.23 -10.75
N ARG A 131 11.41 -2.09 -10.60
CA ARG A 131 11.69 -1.16 -9.50
C ARG A 131 10.53 -0.16 -9.35
N CYS A 132 10.11 0.12 -8.11
CA CYS A 132 9.09 1.15 -7.86
C CYS A 132 9.75 2.44 -7.37
N PRO A 133 9.18 3.60 -7.75
CA PRO A 133 9.67 4.84 -7.18
C PRO A 133 9.27 4.98 -5.71
N GLY A 134 10.05 5.77 -4.96
CA GLY A 134 9.87 5.93 -3.53
C GLY A 134 10.57 4.82 -2.76
N GLU A 135 10.27 4.74 -1.47
CA GLU A 135 10.72 3.65 -0.62
C GLU A 135 9.59 2.64 -0.61
N SER A 136 9.48 1.88 -1.70
CA SER A 136 8.33 1.00 -1.93
C SER A 136 8.74 -0.41 -2.32
N SER A 137 9.91 -0.85 -1.91
CA SER A 137 10.46 -2.10 -2.44
C SER A 137 9.53 -3.31 -2.21
N HIS A 138 9.00 -3.45 -1.00
CA HIS A 138 8.23 -4.66 -0.63
C HIS A 138 6.81 -4.70 -1.21
N ILE A 139 6.16 -3.54 -1.30
CA ILE A 139 4.89 -3.45 -2.02
C ILE A 139 5.13 -3.74 -3.50
N CYS A 140 6.26 -3.26 -4.01
CA CYS A 140 6.65 -3.52 -5.40
C CYS A 140 6.82 -5.01 -5.63
N ASP A 141 7.55 -5.66 -4.73
CA ASP A 141 7.81 -7.09 -4.81
C ASP A 141 6.49 -7.84 -4.85
N PHE A 142 5.54 -7.42 -4.00
CA PHE A 142 4.24 -8.06 -4.01
C PHE A 142 3.48 -7.82 -5.32
N ILE A 143 3.45 -6.56 -5.79
CA ILE A 143 2.77 -6.23 -7.07
C ILE A 143 3.38 -7.03 -8.25
N ARG A 144 4.69 -7.08 -8.30
CA ARG A 144 5.40 -7.80 -9.35
C ARG A 144 4.98 -9.25 -9.39
N LYS A 145 5.06 -9.91 -8.23
CA LYS A 145 4.65 -11.31 -8.12
C LYS A 145 3.20 -11.51 -8.58
N THR A 146 2.29 -10.66 -8.07
CA THR A 146 0.87 -10.71 -8.46
C THR A 146 0.64 -10.55 -9.98
N LEU A 147 1.38 -9.63 -10.60
CA LEU A 147 1.28 -9.36 -12.04
C LEU A 147 1.73 -10.55 -12.88
N ASN A 148 2.95 -11.02 -12.63
CA ASN A 148 3.51 -12.19 -13.30
C ASN A 148 2.68 -13.45 -13.10
N ALA A 149 2.01 -13.53 -11.95
CA ALA A 149 1.16 -14.67 -11.66
C ALA A 149 -0.18 -14.58 -12.40
N GLY A 150 -0.84 -13.42 -12.34
CA GLY A 150 -2.19 -13.28 -12.92
C GLY A 150 -2.72 -11.85 -13.12
N ALA A 151 -2.00 -11.04 -13.90
CA ALA A 151 -2.42 -9.66 -14.17
C ALA A 151 -3.82 -9.55 -14.82
N TYR A 152 -4.24 -10.57 -15.56
CA TYR A 152 -5.51 -10.49 -16.31
C TYR A 152 -6.71 -11.27 -15.73
N SER A 153 -6.63 -11.71 -14.47
CA SER A 153 -7.81 -12.28 -13.78
C SER A 153 -8.74 -11.15 -13.34
N LYS A 154 -10.04 -11.40 -13.39
CA LYS A 154 -11.07 -10.42 -12.99
C LYS A 154 -10.66 -9.71 -11.71
N VAL A 155 -10.39 -10.49 -10.67
CA VAL A 155 -10.16 -9.95 -9.35
C VAL A 155 -8.90 -9.07 -9.26
N VAL A 156 -7.85 -9.41 -10.00
CA VAL A 156 -6.63 -8.59 -10.01
C VAL A 156 -6.80 -7.36 -10.92
N GLN A 157 -7.45 -7.52 -12.08
CA GLN A 157 -7.68 -6.35 -12.98
C GLN A 157 -8.41 -5.25 -12.26
N GLU A 158 -9.44 -5.60 -11.49
CA GLU A 158 -10.33 -4.63 -10.86
C GLU A 158 -9.72 -3.82 -9.71
N ARG A 159 -8.64 -4.31 -9.11
CA ARG A 159 -8.16 -3.81 -7.80
C ARG A 159 -6.70 -3.45 -7.74
N LEU A 160 -5.95 -3.65 -8.83
CA LEU A 160 -4.52 -3.34 -8.87
C LEU A 160 -4.26 -2.44 -10.07
N VAL A 161 -3.87 -1.19 -9.80
CA VAL A 161 -3.72 -0.18 -10.85
C VAL A 161 -2.75 -0.62 -11.97
N GLN A 162 -1.62 -1.21 -11.60
CA GLN A 162 -0.58 -1.55 -12.58
C GLN A 162 -1.00 -2.73 -13.49
N ALA A 163 -1.94 -3.55 -13.01
CA ALA A 163 -2.52 -4.64 -13.83
C ALA A 163 -3.29 -4.08 -15.03
N GLU A 164 -3.88 -2.89 -14.83
CA GLU A 164 -4.81 -2.29 -15.80
C GLU A 164 -4.12 -1.59 -16.99
N TYR A 165 -2.81 -1.44 -16.91
CA TYR A 165 -1.99 -1.12 -18.10
C TYR A 165 -0.81 -2.10 -18.30
N TRP A 166 -0.94 -3.30 -17.71
CA TRP A 166 -0.02 -4.40 -17.98
C TRP A 166 -0.32 -4.91 -19.37
N HIS A 167 0.70 -4.90 -20.23
CA HIS A 167 0.52 -5.17 -21.64
C HIS A 167 1.49 -6.24 -22.07
N ASP A 168 0.98 -7.45 -22.14
CA ASP A 168 1.74 -8.61 -22.57
C ASP A 168 1.78 -8.65 -24.11
N PRO A 169 2.99 -8.50 -24.71
CA PRO A 169 3.12 -8.50 -26.17
C PRO A 169 3.08 -9.93 -26.77
N ILE A 170 3.36 -10.93 -25.93
CA ILE A 170 3.28 -12.31 -26.32
C ILE A 170 1.81 -12.74 -26.37
N LYS A 171 1.15 -12.79 -25.21
CA LYS A 171 -0.27 -13.14 -25.13
C LYS A 171 -1.14 -11.88 -25.40
N GLU A 172 -0.99 -11.34 -26.60
CA GLU A 172 -1.59 -10.06 -27.00
C GLU A 172 -3.12 -10.10 -26.99
N ASP A 173 -3.68 -11.24 -27.41
CA ASP A 173 -5.14 -11.40 -27.49
C ASP A 173 -5.82 -11.54 -26.12
N VAL A 174 -5.08 -12.03 -25.12
CA VAL A 174 -5.55 -12.04 -23.74
C VAL A 174 -5.54 -10.60 -23.22
N TYR A 175 -4.49 -9.85 -23.54
CA TYR A 175 -4.42 -8.43 -23.18
C TYR A 175 -5.62 -7.63 -23.74
N ARG A 176 -5.98 -7.88 -25.00
CA ARG A 176 -7.09 -7.16 -25.64
C ARG A 176 -8.39 -7.51 -24.98
N ASN A 177 -8.58 -8.78 -24.67
CA ASN A 177 -9.87 -9.23 -24.16
C ASN A 177 -10.08 -8.95 -22.68
N HIS A 178 -9.01 -8.72 -21.92
CA HIS A 178 -9.11 -8.63 -20.46
C HIS A 178 -8.63 -7.35 -19.79
N SER A 179 -7.89 -6.49 -20.48
CA SER A 179 -7.46 -5.22 -19.88
C SER A 179 -8.66 -4.29 -19.76
N ILE A 180 -8.95 -3.82 -18.55
CA ILE A 180 -10.15 -3.00 -18.30
C ILE A 180 -9.90 -1.50 -18.44
N PHE A 181 -8.65 -1.12 -18.72
CA PHE A 181 -8.28 0.29 -18.89
C PHE A 181 -7.50 0.56 -20.19
N LEU A 182 -6.24 0.14 -20.22
CA LEU A 182 -5.35 0.45 -21.34
C LEU A 182 -5.86 -0.04 -22.70
N ALA A 183 -6.47 -1.22 -22.74
CA ALA A 183 -7.04 -1.73 -23.99
C ALA A 183 -8.18 -0.83 -24.51
N ASP A 184 -8.95 -0.24 -23.59
CA ASP A 184 -10.04 0.65 -23.98
C ASP A 184 -9.53 1.98 -24.53
N ILE A 185 -8.65 2.62 -23.78
CA ILE A 185 -8.19 3.92 -24.19
C ILE A 185 -7.28 3.83 -25.42
N ASN A 186 -6.70 2.65 -25.68
CA ASN A 186 -5.89 2.42 -26.90
C ASN A 186 -6.63 1.76 -28.07
N GLN A 187 -7.95 1.65 -27.96
CA GLN A 187 -8.80 1.23 -29.07
C GLN A 187 -8.46 -0.18 -29.52
N GLU A 188 -8.12 -1.05 -28.58
CA GLU A 188 -7.67 -2.38 -28.91
C GLU A 188 -8.84 -3.27 -29.25
N ARG A 189 -9.97 -3.02 -28.61
CA ARG A 189 -11.14 -3.88 -28.71
C ARG A 189 -12.10 -3.35 -29.77
N GLY A 190 -12.00 -2.07 -30.10
CA GLY A 190 -12.85 -1.42 -31.08
C GLY A 190 -12.58 0.06 -31.06
N ILE A 191 -12.95 0.76 -32.13
CA ILE A 191 -12.62 2.17 -32.27
C ILE A 191 -13.72 3.05 -31.68
N ASN A 192 -13.44 3.65 -30.52
CA ASN A 192 -14.30 4.66 -29.94
C ASN A 192 -13.99 5.97 -30.64
N GLU A 193 -14.95 6.48 -31.41
CA GLU A 193 -14.72 7.64 -32.27
C GLU A 193 -14.53 8.91 -31.44
N SER A 194 -15.31 9.07 -30.37
CA SER A 194 -15.12 10.21 -29.46
C SER A 194 -13.70 10.28 -28.84
N TYR A 195 -13.07 9.14 -28.58
CA TYR A 195 -11.69 9.11 -28.05
C TYR A 195 -10.73 9.73 -29.06
N LYS A 196 -10.89 9.33 -30.32
CA LYS A 196 -10.09 9.84 -31.43
C LYS A 196 -10.31 11.35 -31.62
N LYS A 197 -11.57 11.74 -31.67
CA LYS A 197 -11.96 13.16 -31.80
C LYS A 197 -11.38 14.02 -30.67
N ASN A 198 -11.51 13.54 -29.44
CA ASN A 198 -11.09 14.28 -28.27
C ASN A 198 -9.58 14.38 -28.11
N LEU A 199 -8.85 13.31 -28.46
CA LEU A 199 -7.40 13.35 -28.43
C LEU A 199 -6.87 14.31 -29.50
N ALA A 201 -8.25 16.96 -30.54
CA ALA A 201 -8.58 18.35 -30.18
C ALA A 201 -7.51 19.02 -29.29
N LEU A 202 -6.54 18.25 -28.80
CA LEU A 202 -5.37 18.80 -28.10
C LEU A 202 -4.49 19.68 -29.00
N LYS A 203 -4.07 20.84 -28.50
CA LYS A 203 -3.12 21.70 -29.20
C LYS A 203 -1.76 20.98 -29.34
N LYS A 204 -1.19 20.53 -28.23
CA LYS A 204 0.06 19.75 -28.27
C LYS A 204 -0.03 18.54 -27.35
N PHE A 205 0.56 17.42 -27.77
CA PHE A 205 0.72 16.23 -26.93
C PHE A 205 2.21 15.96 -26.84
N VAL A 206 2.80 16.32 -25.70
CA VAL A 206 4.24 16.27 -25.47
C VAL A 206 4.60 15.06 -24.65
N VAL A 208 7.79 13.05 -22.79
CA VAL A 208 9.17 13.03 -22.32
C VAL A 208 9.63 11.59 -22.04
N LYS A 209 10.75 11.22 -22.62
CA LYS A 209 11.35 9.91 -22.41
C LYS A 209 12.63 10.07 -21.64
N PHE A 210 12.85 9.21 -20.64
CA PHE A 210 14.12 9.20 -19.87
C PHE A 210 15.04 8.11 -20.42
N LEU A 211 16.13 8.54 -21.06
CA LEU A 211 17.00 7.60 -21.77
C LEU A 211 17.65 6.52 -20.89
N ASN A 212 17.89 6.83 -19.62
CA ASN A 212 18.50 5.86 -18.69
C ASN A 212 17.49 5.32 -17.66
N ASP A 213 16.24 5.16 -18.08
CA ASP A 213 15.14 4.80 -17.19
C ASP A 213 15.26 3.34 -16.82
N SER A 214 15.27 3.06 -15.52
CA SER A 214 15.35 1.68 -15.03
C SER A 214 14.03 1.20 -14.40
N ILE A 215 13.00 2.06 -14.48
CA ILE A 215 11.69 1.74 -13.90
C ILE A 215 10.71 1.21 -14.95
N VAL A 216 10.66 1.88 -16.11
CA VAL A 216 9.66 1.59 -17.12
C VAL A 216 10.18 0.61 -18.16
N ASP A 217 9.42 -0.46 -18.37
CA ASP A 217 9.81 -1.55 -19.23
C ASP A 217 8.66 -1.86 -20.18
N PRO A 218 8.82 -1.55 -21.48
CA PRO A 218 9.98 -0.95 -22.11
C PRO A 218 9.94 0.59 -22.06
N VAL A 219 11.12 1.21 -22.10
CA VAL A 219 11.25 2.66 -22.09
C VAL A 219 10.48 3.31 -23.26
N ASP A 220 10.39 2.59 -24.39
CA ASP A 220 9.67 3.04 -25.59
C ASP A 220 8.20 3.43 -25.35
N SER A 221 7.58 2.82 -24.34
CA SER A 221 6.20 3.14 -23.97
C SER A 221 6.04 4.63 -23.67
N GLU A 222 7.13 5.27 -23.22
CA GLU A 222 7.13 6.70 -22.93
C GLU A 222 6.91 7.57 -24.16
N TRP A 223 7.24 7.02 -25.34
CA TRP A 223 7.04 7.66 -26.64
C TRP A 223 5.99 6.91 -27.48
N PHE A 224 5.10 6.19 -26.79
CA PHE A 224 3.98 5.45 -27.40
C PHE A 224 4.44 4.30 -28.31
N GLY A 225 5.63 3.78 -28.06
CA GLY A 225 6.12 2.61 -28.75
C GLY A 225 6.02 1.42 -27.82
N PHE A 226 6.41 0.24 -28.29
CA PHE A 226 6.31 -0.98 -27.45
C PHE A 226 7.09 -2.15 -28.03
N TYR A 227 7.14 -3.24 -27.27
CA TYR A 227 7.58 -4.53 -27.81
C TYR A 227 6.76 -4.89 -29.03
N ARG A 228 7.45 -5.33 -30.07
CA ARG A 228 6.80 -5.83 -31.27
C ARG A 228 6.00 -7.07 -30.87
N SER A 229 4.79 -7.20 -31.41
CA SER A 229 3.89 -8.31 -31.08
C SER A 229 4.56 -9.71 -31.17
N GLY A 230 4.16 -10.60 -30.26
CA GLY A 230 4.61 -12.02 -30.25
C GLY A 230 5.96 -12.33 -29.61
N GLN A 231 6.61 -11.31 -29.03
CA GLN A 231 7.91 -11.49 -28.38
C GLN A 231 8.20 -10.29 -27.47
N ALA A 232 9.29 -10.34 -26.71
CA ALA A 232 9.54 -9.33 -25.68
C ALA A 232 11.01 -8.91 -25.56
N LYS A 233 11.69 -8.76 -26.70
CA LYS A 233 13.06 -8.20 -26.70
C LYS A 233 13.11 -6.97 -27.59
N GLU A 234 12.70 -7.13 -28.83
CA GLU A 234 12.74 -6.03 -29.78
C GLU A 234 11.57 -5.10 -29.55
N THR A 235 11.86 -3.80 -29.50
CA THR A 235 10.83 -2.77 -29.44
C THR A 235 10.69 -2.07 -30.78
N ILE A 236 9.53 -1.47 -31.01
CA ILE A 236 9.26 -0.70 -32.24
C ILE A 236 8.63 0.64 -31.84
N PRO A 237 8.86 1.70 -32.63
CA PRO A 237 8.33 3.03 -32.31
C PRO A 237 6.86 3.18 -32.70
N LEU A 238 6.22 4.24 -32.20
CA LEU A 238 4.80 4.48 -32.48
C LEU A 238 4.47 4.30 -33.95
N GLN A 239 5.32 4.86 -34.82
CA GLN A 239 5.07 4.89 -36.27
C GLN A 239 4.98 3.51 -36.95
N GLU A 240 5.58 2.48 -36.34
CA GLU A 240 5.51 1.12 -36.88
C GLU A 240 4.39 0.26 -36.26
N THR A 241 3.64 0.81 -35.32
CA THR A 241 2.55 0.07 -34.67
C THR A 241 1.24 0.25 -35.44
N SER A 242 0.35 -0.71 -35.29
CA SER A 242 -0.91 -0.68 -36.00
C SER A 242 -1.85 0.37 -35.42
N LEU A 243 -1.69 0.71 -34.15
CA LEU A 243 -2.43 1.84 -33.54
C LEU A 243 -2.24 3.13 -34.36
N TYR A 244 -1.02 3.31 -34.86
CA TYR A 244 -0.64 4.47 -35.67
C TYR A 244 -1.03 4.32 -37.15
N THR A 245 -0.62 3.22 -37.77
CA THR A 245 -0.78 3.05 -39.23
C THR A 245 -2.23 2.85 -39.66
N GLN A 246 -3.05 2.21 -38.81
CA GLN A 246 -4.52 2.19 -38.94
C GLN A 246 -5.16 3.44 -38.29
N ASP A 247 -4.32 4.22 -37.59
CA ASP A 247 -4.70 5.49 -36.96
C ASP A 247 -5.98 5.45 -36.11
N ARG A 248 -6.06 4.50 -35.19
CA ARG A 248 -7.25 4.33 -34.37
C ARG A 248 -7.52 5.49 -33.41
N LEU A 249 -6.47 6.19 -33.00
CA LEU A 249 -6.59 7.34 -32.07
C LEU A 249 -6.37 8.71 -32.70
N GLY A 250 -6.03 8.74 -33.99
CA GLY A 250 -5.73 10.00 -34.67
C GLY A 250 -4.27 10.45 -34.52
N LEU A 251 -3.43 9.61 -33.92
CA LEU A 251 -2.03 9.95 -33.69
C LEU A 251 -1.28 10.21 -34.99
N LYS A 252 -1.66 9.57 -36.08
CA LYS A 252 -1.03 9.85 -37.39
C LYS A 252 -1.46 11.19 -37.95
N GLU A 253 -2.75 11.51 -37.88
CA GLU A 253 -3.22 12.86 -38.23
C GLU A 253 -2.54 13.93 -37.33
N ASP A 255 0.45 13.58 -35.68
CA ASP A 255 1.85 13.57 -36.01
C ASP A 255 2.10 14.45 -37.27
N ASN A 256 1.25 14.27 -38.28
CA ASN A 256 1.38 15.04 -39.54
C ASN A 256 1.06 16.53 -39.36
N ALA A 257 0.21 16.87 -38.40
CA ALA A 257 -0.24 18.26 -38.19
C ALA A 257 0.63 19.02 -37.18
N GLY A 258 1.77 18.48 -36.82
CA GLY A 258 2.66 19.12 -35.87
C GLY A 258 2.25 19.08 -34.41
N GLN A 259 1.22 18.29 -34.08
CA GLN A 259 0.68 18.25 -32.70
C GLN A 259 1.47 17.34 -31.75
N LEU A 260 2.31 16.45 -32.25
CA LEU A 260 3.05 15.54 -31.37
C LEU A 260 4.47 16.05 -31.15
N VAL A 261 4.93 16.03 -29.90
CA VAL A 261 6.29 16.42 -29.57
C VAL A 261 6.95 15.30 -28.78
N PHE A 262 8.09 14.83 -29.27
CA PHE A 262 8.80 13.71 -28.67
C PHE A 262 10.08 14.20 -28.06
N LEU A 263 10.09 14.41 -26.75
CA LEU A 263 11.29 14.92 -26.05
C LEU A 263 12.02 13.80 -25.30
N ALA A 264 13.35 13.86 -25.29
CA ALA A 264 14.18 12.86 -24.59
C ALA A 264 15.19 13.57 -23.74
N THR A 265 15.38 13.10 -22.51
CA THR A 265 16.39 13.63 -21.60
C THR A 265 17.20 12.49 -21.06
N GLU A 266 18.44 12.75 -20.67
CA GLU A 266 19.25 11.79 -19.94
C GLU A 266 18.81 11.74 -18.50
N GLY A 267 19.10 10.63 -17.84
CA GLY A 267 18.70 10.43 -16.44
C GLY A 267 17.72 9.27 -16.29
N ASP A 268 17.48 8.89 -15.04
CA ASP A 268 16.56 7.79 -14.71
C ASP A 268 15.14 8.35 -14.63
N HIS A 269 14.21 7.54 -14.14
CA HIS A 269 12.79 7.88 -14.13
C HIS A 269 12.50 9.18 -13.37
N LEU A 270 11.82 10.11 -14.03
CA LEU A 270 11.42 11.41 -13.44
C LEU A 270 12.57 12.28 -12.90
N GLN A 271 13.80 11.96 -13.27
CA GLN A 271 14.97 12.75 -12.90
C GLN A 271 15.23 13.78 -13.98
N LEU A 272 14.84 15.03 -13.71
CA LEU A 272 15.03 16.10 -14.69
C LEU A 272 15.52 17.37 -14.02
N SER A 273 16.51 18.00 -14.64
CA SER A 273 17.16 19.19 -14.09
C SER A 273 16.30 20.44 -14.27
N GLU A 274 16.66 21.51 -13.55
CA GLU A 274 15.94 22.76 -13.65
C GLU A 274 16.16 23.38 -15.04
N GLU A 275 17.39 23.31 -15.53
CA GLU A 275 17.73 23.86 -16.86
C GLU A 275 16.83 23.28 -17.93
N TRP A 276 16.77 21.95 -17.99
CA TRP A 276 16.02 21.23 -19.04
C TRP A 276 14.52 21.52 -18.95
N PHE A 277 13.99 21.45 -17.72
CA PHE A 277 12.58 21.71 -17.46
C PHE A 277 12.19 23.09 -17.95
N TYR A 278 12.98 24.10 -17.54
CA TYR A 278 12.77 25.49 -17.98
C TYR A 278 12.93 25.62 -19.50
N ALA A 279 13.94 24.94 -20.05
CA ALA A 279 14.23 25.01 -21.48
C ALA A 279 13.13 24.41 -22.36
N HIS A 280 12.56 23.28 -21.95
CA HIS A 280 11.69 22.47 -22.84
C HIS A 280 10.23 22.26 -22.42
N ILE A 281 9.91 22.41 -21.14
CA ILE A 281 8.54 22.19 -20.67
C ILE A 281 7.79 23.50 -20.43
N ILE A 282 8.47 24.48 -19.82
CA ILE A 282 7.84 25.78 -19.51
C ILE A 282 7.28 26.49 -20.77
N PRO A 283 7.99 26.39 -21.92
CA PRO A 283 7.46 26.97 -23.15
C PRO A 283 6.04 26.51 -23.48
N PHE A 284 5.71 25.27 -23.13
CA PHE A 284 4.35 24.73 -23.35
C PHE A 284 3.31 25.18 -22.31
N LEU A 285 3.74 25.94 -21.31
CA LEU A 285 2.88 26.30 -20.17
C LEU A 285 2.56 27.79 -20.05
N GLY A 286 3.17 28.63 -20.89
CA GLY A 286 2.85 30.07 -20.96
C GLY A 286 1.85 30.40 -22.08
N ALA B 11 13.40 6.33 38.31
CA ALA B 11 13.96 5.50 37.20
C ALA B 11 12.89 4.53 36.68
N PRO B 12 11.93 5.04 35.88
CA PRO B 12 10.83 4.20 35.41
C PRO B 12 11.24 3.34 34.22
N LEU B 13 10.64 2.15 34.12
CA LEU B 13 10.91 1.25 33.00
C LEU B 13 10.50 1.91 31.67
N PRO B 14 11.32 1.72 30.63
CA PRO B 14 10.95 2.26 29.32
C PRO B 14 9.85 1.41 28.62
N LEU B 15 9.13 2.05 27.68
CA LEU B 15 8.06 1.42 26.94
C LEU B 15 8.40 1.31 25.45
N VAL B 16 8.21 0.11 24.89
CA VAL B 16 8.36 -0.13 23.47
C VAL B 16 6.97 -0.32 22.84
N ILE B 17 6.65 0.50 21.84
CA ILE B 17 5.35 0.45 21.18
C ILE B 17 5.47 -0.11 19.76
N TRP B 18 4.55 -0.99 19.39
CA TRP B 18 4.46 -1.48 18.01
C TRP B 18 3.05 -1.19 17.49
N HIS B 19 2.98 -0.30 16.50
CA HIS B 19 1.73 0.11 15.87
C HIS B 19 1.06 -1.03 15.13
N GLY B 20 -0.16 -0.78 14.69
CA GLY B 20 -0.91 -1.78 13.96
C GLY B 20 -0.85 -1.59 12.46
N GLY B 22 -1.82 -0.51 8.80
CA GLY B 22 -2.25 0.75 8.18
C GLY B 22 -1.87 1.99 8.97
N ASP B 23 -0.90 1.84 9.86
CA ASP B 23 -0.49 2.93 10.74
C ASP B 23 1.04 2.95 10.79
N SER B 24 1.60 3.98 11.41
CA SER B 24 3.05 4.12 11.53
C SER B 24 3.45 4.32 12.98
N CYS B 25 4.74 4.55 13.20
CA CYS B 25 5.27 4.80 14.52
C CYS B 25 4.80 6.12 15.11
N CYS B 26 4.45 7.08 14.26
CA CYS B 26 4.59 8.48 14.63
C CYS B 26 3.48 9.42 14.13
N ASN B 27 2.26 8.91 14.00
CA ASN B 27 1.11 9.76 13.66
C ASN B 27 0.60 10.45 14.93
N PRO B 28 0.57 11.81 14.95
CA PRO B 28 0.05 12.59 16.08
C PRO B 28 -1.31 12.15 16.61
N LEU B 29 -2.22 11.78 15.71
CA LEU B 29 -3.58 11.33 16.06
C LEU B 29 -3.65 9.86 16.52
N SER B 30 -2.55 9.11 16.37
CA SER B 30 -2.52 7.70 16.74
C SER B 30 -1.37 7.41 17.73
N GLY B 32 1.54 8.74 18.12
CA GLY B 32 2.06 9.97 18.68
C GLY B 32 1.26 10.44 19.89
N ALA B 33 -0.06 10.27 19.83
CA ALA B 33 -0.95 10.62 20.95
C ALA B 33 -0.72 9.70 22.15
N ILE B 34 -0.51 8.42 21.89
CA ILE B 34 -0.20 7.47 22.96
C ILE B 34 1.12 7.85 23.64
N LYS B 35 2.14 8.14 22.82
CA LYS B 35 3.48 8.51 23.32
C LYS B 35 3.42 9.75 24.21
N LYS B 36 2.86 10.84 23.68
CA LYS B 36 2.71 12.09 24.43
C LYS B 36 1.90 11.89 25.72
N VAL B 38 1.61 8.96 27.54
CA VAL B 38 2.41 8.17 28.50
C VAL B 38 3.57 9.01 29.08
N GLU B 39 4.10 9.93 28.28
CA GLU B 39 5.20 10.78 28.72
C GLU B 39 4.74 11.80 29.78
N LYS B 40 3.50 12.27 29.65
CA LYS B 40 2.92 13.23 30.60
C LYS B 40 2.60 12.56 31.94
N LYS B 41 2.00 11.37 31.90
CA LYS B 41 1.58 10.66 33.13
C LYS B 41 2.76 10.04 33.89
N ILE B 42 3.79 9.57 33.15
CA ILE B 42 5.02 8.98 33.76
C ILE B 42 6.26 9.82 33.36
N PRO B 43 6.56 10.89 34.12
CA PRO B 43 7.62 11.82 33.74
C PRO B 43 9.00 11.17 33.56
N GLY B 44 9.69 11.55 32.48
CA GLY B 44 11.02 11.04 32.17
C GLY B 44 11.04 9.60 31.65
N ILE B 45 9.92 9.14 31.10
CA ILE B 45 9.87 7.79 30.56
C ILE B 45 10.39 7.82 29.13
N TYR B 46 11.20 6.82 28.78
CA TYR B 46 11.69 6.64 27.41
C TYR B 46 10.76 5.70 26.66
N VAL B 47 10.12 6.22 25.61
CA VAL B 47 9.21 5.43 24.81
C VAL B 47 9.77 5.27 23.41
N LEU B 48 9.92 4.01 23.00
CA LEU B 48 10.40 3.67 21.67
C LEU B 48 9.21 3.22 20.83
N SER B 49 8.79 4.06 19.88
CA SER B 49 7.76 3.68 18.94
C SER B 49 8.40 3.10 17.68
N LEU B 50 8.23 1.79 17.49
CA LEU B 50 8.95 1.07 16.43
C LEU B 50 8.55 1.50 15.02
N GLU B 51 9.56 1.89 14.24
CA GLU B 51 9.39 2.19 12.82
C GLU B 51 10.09 1.10 12.03
N ILE B 52 9.34 0.37 11.20
CA ILE B 52 9.93 -0.64 10.34
C ILE B 52 9.93 -0.08 8.92
N GLY B 53 10.90 0.81 8.66
CA GLY B 53 11.05 1.42 7.34
C GLY B 53 11.81 2.74 7.39
N LYS B 54 12.29 3.20 6.23
CA LYS B 54 13.06 4.45 6.16
C LYS B 54 12.16 5.66 6.45
N THR B 55 10.94 5.66 5.90
CA THR B 55 9.98 6.76 6.07
C THR B 55 8.72 6.28 6.79
N LEU B 56 7.87 7.22 7.21
CA LEU B 56 6.55 6.89 7.78
C LEU B 56 5.68 6.13 6.75
N GLU B 58 6.72 4.18 4.24
CA GLU B 58 7.17 2.78 4.10
C GLU B 58 6.76 1.96 5.32
N ASP B 59 6.74 2.62 6.48
CA ASP B 59 6.29 2.00 7.71
C ASP B 59 4.85 1.48 7.53
N VAL B 60 3.95 2.35 7.07
CA VAL B 60 2.56 1.94 6.78
C VAL B 60 2.48 0.75 5.79
N GLU B 61 3.18 0.82 4.65
CA GLU B 61 3.05 -0.26 3.65
C GLU B 61 3.81 -1.54 4.02
N ASN B 62 4.84 -1.43 4.87
CA ASN B 62 5.45 -2.61 5.50
C ASN B 62 4.51 -3.29 6.49
N SER B 63 3.58 -2.53 7.08
CA SER B 63 2.59 -3.14 7.97
C SER B 63 1.68 -4.14 7.20
N PHE B 64 1.70 -4.05 5.87
CA PHE B 64 0.96 -4.96 4.99
C PHE B 64 1.83 -5.96 4.21
N PHE B 65 3.04 -5.55 3.80
CA PHE B 65 3.81 -6.30 2.78
C PHE B 65 5.25 -6.73 3.16
N LEU B 66 5.66 -6.50 4.40
CA LEU B 66 6.97 -7.00 4.86
C LEU B 66 6.79 -8.18 5.79
N ASN B 67 7.39 -9.31 5.41
CA ASN B 67 7.33 -10.57 6.16
C ASN B 67 7.50 -10.37 7.68
N VAL B 68 6.55 -10.87 8.48
CA VAL B 68 6.55 -10.63 9.94
C VAL B 68 7.79 -11.20 10.63
N ASN B 69 8.24 -12.37 10.20
CA ASN B 69 9.49 -12.96 10.73
C ASN B 69 10.72 -12.08 10.50
N SER B 70 10.76 -11.40 9.35
CA SER B 70 11.80 -10.40 9.08
C SER B 70 11.62 -9.17 9.94
N GLN B 71 10.38 -8.78 10.22
CA GLN B 71 10.09 -7.63 11.08
C GLN B 71 10.49 -7.92 12.52
N VAL B 72 10.22 -9.14 12.97
CA VAL B 72 10.49 -9.53 14.36
C VAL B 72 11.99 -9.62 14.62
N THR B 73 12.72 -10.30 13.74
CA THR B 73 14.19 -10.39 13.92
C THR B 73 14.86 -8.99 13.85
N THR B 74 14.32 -8.10 13.01
CA THR B 74 14.80 -6.70 12.93
C THR B 74 14.60 -5.90 14.23
N VAL B 75 13.40 -6.00 14.80
CA VAL B 75 13.09 -5.32 16.06
C VAL B 75 13.95 -5.85 17.21
N CYS B 76 14.17 -7.16 17.25
CA CYS B 76 15.01 -7.79 18.27
C CYS B 76 16.44 -7.27 18.22
N GLN B 77 17.02 -7.20 17.03
CA GLN B 77 18.33 -6.61 16.85
C GLN B 77 18.31 -5.15 17.29
N ALA B 78 17.24 -4.43 16.94
CA ALA B 78 17.13 -3.02 17.26
C ALA B 78 17.02 -2.78 18.77
N LEU B 79 16.42 -3.73 19.49
CA LEU B 79 16.26 -3.65 20.97
C LEU B 79 17.54 -4.04 21.72
N ALA B 80 18.23 -5.06 21.21
CA ALA B 80 19.51 -5.48 21.76
C ALA B 80 20.56 -4.36 21.67
N LYS B 81 20.60 -3.66 20.53
CA LYS B 81 21.55 -2.56 20.35
C LYS B 81 21.15 -1.29 21.13
N ASP B 82 19.89 -1.17 21.53
CA ASP B 82 19.44 0.03 22.25
C ASP B 82 19.88 -0.07 23.72
N PRO B 83 20.69 0.93 24.19
CA PRO B 83 21.26 0.84 25.56
C PRO B 83 20.24 1.05 26.67
N LYS B 84 19.30 1.97 26.46
CA LYS B 84 18.28 2.29 27.48
C LYS B 84 17.34 1.11 27.84
N LEU B 85 17.40 0.02 27.08
CA LEU B 85 16.51 -1.13 27.29
C LEU B 85 17.20 -2.36 27.87
N GLN B 86 18.53 -2.30 28.09
CA GLN B 86 19.31 -3.46 28.58
C GLN B 86 18.91 -3.89 30.00
N GLN B 87 18.45 -2.94 30.82
CA GLN B 87 17.97 -3.22 32.19
C GLN B 87 16.55 -3.83 32.20
N GLY B 88 15.84 -3.79 31.06
CA GLY B 88 14.49 -4.35 30.92
C GLY B 88 13.52 -3.31 30.37
N TYR B 89 12.39 -3.78 29.86
CA TYR B 89 11.41 -2.88 29.22
C TYR B 89 9.99 -3.44 29.22
N ASN B 90 9.02 -2.53 29.25
CA ASN B 90 7.61 -2.88 29.02
C ASN B 90 7.28 -2.76 27.53
N ALA B 91 6.34 -3.56 27.03
CA ALA B 91 5.96 -3.52 25.62
C ALA B 91 4.44 -3.38 25.48
N GLY B 93 1.56 -3.46 22.33
CA GLY B 93 1.25 -3.69 20.92
C GLY B 93 -0.19 -3.34 20.58
N PHE B 94 -0.37 -2.56 19.51
CA PHE B 94 -1.72 -2.20 19.03
C PHE B 94 -2.10 -3.02 17.83
N SER B 95 -3.26 -3.66 17.92
CA SER B 95 -3.76 -4.52 16.86
C SER B 95 -2.69 -5.60 16.57
N GLN B 96 -2.30 -5.80 15.32
CA GLN B 96 -1.28 -6.82 14.99
C GLN B 96 0.05 -6.65 15.75
N GLY B 97 0.39 -5.42 16.11
CA GLY B 97 1.52 -5.19 16.99
C GLY B 97 1.46 -6.03 18.28
N GLY B 98 0.25 -6.38 18.71
CA GLY B 98 0.04 -7.27 19.86
C GLY B 98 0.73 -8.62 19.69
N GLN B 99 0.28 -9.40 18.71
CA GLN B 99 0.92 -10.70 18.42
C GLN B 99 2.39 -10.55 17.98
N PHE B 100 2.75 -9.41 17.40
CA PHE B 100 4.13 -9.20 16.97
C PHE B 100 5.04 -9.12 18.17
N LEU B 101 4.69 -8.26 19.11
CA LEU B 101 5.48 -8.12 20.34
C LEU B 101 5.46 -9.41 21.20
N ARG B 102 4.37 -10.17 21.17
CA ARG B 102 4.37 -11.49 21.82
C ARG B 102 5.49 -12.34 21.20
N ALA B 103 5.57 -12.32 19.88
CA ALA B 103 6.60 -13.06 19.15
C ALA B 103 8.01 -12.59 19.56
N VAL B 104 8.17 -11.30 19.84
CA VAL B 104 9.44 -10.83 20.42
C VAL B 104 9.68 -11.43 21.83
N ALA B 105 8.64 -11.49 22.65
CA ALA B 105 8.71 -12.12 23.97
C ALA B 105 9.15 -13.59 23.85
N GLN B 106 8.57 -14.30 22.89
CA GLN B 106 8.87 -15.72 22.70
C GLN B 106 10.25 -16.00 22.04
N ARG B 107 10.74 -15.07 21.22
CA ARG B 107 11.95 -15.30 20.43
C ARG B 107 13.18 -14.59 20.96
N CYS B 108 13.01 -13.41 21.56
CA CYS B 108 14.13 -12.53 21.88
C CYS B 108 14.09 -12.14 23.37
N PRO B 109 14.32 -13.13 24.27
CA PRO B 109 14.24 -12.97 25.73
C PRO B 109 15.23 -12.00 26.34
N SER B 110 16.30 -11.69 25.60
CA SER B 110 17.28 -10.69 26.02
C SER B 110 17.29 -9.54 25.00
N PRO B 111 17.10 -8.29 25.46
CA PRO B 111 16.81 -7.90 26.84
C PRO B 111 15.45 -8.43 27.32
N PRO B 112 15.21 -8.39 28.65
CA PRO B 112 14.00 -8.97 29.21
C PRO B 112 12.79 -8.03 29.15
N ILE B 114 9.23 -7.09 30.50
CA ILE B 114 8.61 -7.25 31.82
C ILE B 114 7.08 -7.42 31.69
N ASN B 115 6.36 -6.34 31.33
CA ASN B 115 4.91 -6.42 31.01
C ASN B 115 4.62 -6.31 29.48
N LEU B 116 3.83 -7.25 28.96
CA LEU B 116 3.32 -7.20 27.58
C LEU B 116 1.86 -6.74 27.58
N ILE B 117 1.59 -5.56 27.00
CA ILE B 117 0.22 -5.07 26.86
C ILE B 117 -0.26 -5.23 25.38
N SER B 118 -1.20 -6.15 25.18
CA SER B 118 -1.85 -6.34 23.87
C SER B 118 -3.18 -5.54 23.80
N VAL B 119 -3.18 -4.51 22.96
CA VAL B 119 -4.34 -3.64 22.79
C VAL B 119 -5.07 -4.02 21.48
N GLY B 120 -5.99 -4.96 21.59
CA GLY B 120 -6.73 -5.43 20.42
C GLY B 120 -5.93 -6.35 19.52
N GLY B 121 -4.97 -7.08 20.11
CA GLY B 121 -4.13 -8.00 19.35
C GLY B 121 -4.93 -9.19 18.88
N GLN B 122 -4.41 -9.94 17.91
CA GLN B 122 -5.09 -11.12 17.38
C GLN B 122 -4.24 -12.36 17.61
N HIS B 123 -4.30 -12.91 18.81
CA HIS B 123 -3.33 -13.92 19.23
C HIS B 123 -3.63 -15.32 18.68
N GLN B 124 -4.90 -15.56 18.32
CA GLN B 124 -5.27 -16.72 17.49
C GLN B 124 -5.50 -16.35 16.00
N GLY B 125 -5.07 -15.15 15.61
CA GLY B 125 -5.19 -14.69 14.23
C GLY B 125 -6.60 -14.26 13.86
N VAL B 126 -6.83 -14.19 12.54
CA VAL B 126 -8.12 -13.77 12.01
C VAL B 126 -8.58 -14.75 10.92
N PHE B 127 -9.90 -14.79 10.69
CA PHE B 127 -10.48 -15.49 9.56
C PHE B 127 -11.48 -14.54 8.89
N GLY B 128 -10.99 -13.37 8.50
CA GLY B 128 -11.81 -12.32 7.93
C GLY B 128 -11.09 -10.98 8.04
N LEU B 129 -11.42 -10.06 7.14
CA LEU B 129 -10.80 -8.74 7.10
C LEU B 129 -11.84 -7.75 6.58
N PRO B 130 -12.96 -7.58 7.32
CA PRO B 130 -14.08 -6.81 6.83
C PRO B 130 -13.81 -5.31 6.74
N ARG B 131 -12.83 -4.82 7.48
CA ARG B 131 -12.54 -3.40 7.54
C ARG B 131 -11.12 -3.19 8.05
N CYS B 132 -10.41 -2.21 7.47
CA CYS B 132 -9.04 -1.89 7.86
C CYS B 132 -9.00 -0.52 8.54
N PRO B 133 -8.10 -0.35 9.54
CA PRO B 133 -7.86 0.95 10.20
C PRO B 133 -7.49 2.08 9.24
N GLY B 134 -7.88 3.30 9.59
CA GLY B 134 -7.49 4.50 8.85
C GLY B 134 -8.21 4.65 7.53
N GLU B 135 -7.64 5.46 6.64
CA GLU B 135 -8.18 5.67 5.30
C GLU B 135 -7.49 4.71 4.35
N SER B 136 -7.97 3.47 4.32
CA SER B 136 -7.27 2.42 3.61
C SER B 136 -8.19 1.34 3.02
N SER B 137 -9.40 1.73 2.64
CA SER B 137 -10.40 0.75 2.21
C SER B 137 -9.99 -0.04 0.94
N HIS B 138 -9.29 0.61 0.02
CA HIS B 138 -8.94 -0.03 -1.26
C HIS B 138 -7.74 -1.01 -1.16
N ILE B 139 -6.75 -0.69 -0.33
CA ILE B 139 -5.68 -1.65 -0.02
C ILE B 139 -6.29 -2.87 0.73
N CYS B 140 -7.29 -2.58 1.54
CA CYS B 140 -8.01 -3.61 2.28
C CYS B 140 -8.79 -4.56 1.36
N ASP B 141 -9.44 -4.00 0.33
CA ASP B 141 -10.18 -4.81 -0.65
C ASP B 141 -9.26 -5.81 -1.33
N PHE B 142 -8.10 -5.33 -1.72
CA PHE B 142 -7.12 -6.12 -2.44
C PHE B 142 -6.56 -7.23 -1.56
N ILE B 143 -6.15 -6.86 -0.34
CA ILE B 143 -5.67 -7.83 0.63
C ILE B 143 -6.77 -8.87 0.94
N ARG B 144 -8.00 -8.40 1.18
CA ARG B 144 -9.10 -9.31 1.46
C ARG B 144 -9.27 -10.36 0.35
N LYS B 145 -9.40 -9.90 -0.89
CA LYS B 145 -9.57 -10.83 -2.02
C LYS B 145 -8.40 -11.81 -2.17
N THR B 146 -7.19 -11.30 -1.99
CA THR B 146 -5.98 -12.12 -2.02
C THR B 146 -5.97 -13.19 -0.93
N LEU B 147 -6.43 -12.82 0.27
CA LEU B 147 -6.50 -13.77 1.40
C LEU B 147 -7.53 -14.86 1.16
N ASN B 148 -8.72 -14.49 0.70
CA ASN B 148 -9.79 -15.46 0.43
C ASN B 148 -9.52 -16.36 -0.77
N ALA B 149 -8.46 -16.06 -1.53
CA ALA B 149 -8.10 -16.82 -2.72
C ALA B 149 -6.88 -17.70 -2.50
N GLY B 150 -5.85 -17.16 -1.84
CA GLY B 150 -4.59 -17.90 -1.70
C GLY B 150 -3.73 -17.47 -0.54
N ALA B 151 -4.30 -17.40 0.65
CA ALA B 151 -3.55 -17.02 1.85
C ALA B 151 -2.37 -17.95 2.13
N TYR B 152 -2.54 -19.24 1.82
CA TYR B 152 -1.53 -20.24 2.19
C TYR B 152 -0.58 -20.68 1.05
N SER B 153 -0.79 -20.18 -0.18
CA SER B 153 0.19 -20.35 -1.27
C SER B 153 1.51 -19.70 -0.86
N LYS B 154 2.63 -20.33 -1.22
CA LYS B 154 3.97 -19.87 -0.75
C LYS B 154 4.26 -18.40 -1.10
N VAL B 155 3.89 -18.01 -2.32
CA VAL B 155 4.18 -16.65 -2.78
C VAL B 155 3.48 -15.55 -1.93
N VAL B 156 2.24 -15.82 -1.49
CA VAL B 156 1.49 -14.87 -0.64
C VAL B 156 1.98 -14.88 0.82
N GLN B 157 2.09 -16.07 1.42
CA GLN B 157 2.58 -16.22 2.81
C GLN B 157 3.85 -15.46 3.09
N GLU B 158 4.82 -15.58 2.19
CA GLU B 158 6.16 -15.01 2.39
C GLU B 158 6.18 -13.47 2.29
N ARG B 159 5.09 -12.87 1.82
CA ARG B 159 5.08 -11.42 1.52
C ARG B 159 3.94 -10.59 2.13
N LEU B 160 2.81 -11.22 2.48
CA LEU B 160 1.63 -10.49 2.95
C LEU B 160 1.44 -10.72 4.46
N VAL B 161 1.57 -9.65 5.24
CA VAL B 161 1.54 -9.77 6.69
C VAL B 161 0.28 -10.48 7.19
N GLN B 162 -0.88 -10.00 6.74
CA GLN B 162 -2.18 -10.49 7.22
C GLN B 162 -2.39 -11.98 6.95
N ALA B 163 -1.79 -12.48 5.85
CA ALA B 163 -1.80 -13.90 5.50
C ALA B 163 -1.02 -14.74 6.50
N GLU B 164 0.02 -14.15 7.09
CA GLU B 164 0.86 -14.84 8.07
C GLU B 164 0.18 -15.03 9.45
N TYR B 165 -0.91 -14.32 9.72
CA TYR B 165 -1.77 -14.67 10.86
C TYR B 165 -3.21 -14.93 10.47
N TRP B 166 -3.42 -15.21 9.19
CA TRP B 166 -4.68 -15.71 8.72
C TRP B 166 -4.82 -17.15 9.22
N HIS B 167 -5.98 -17.45 9.81
CA HIS B 167 -6.19 -18.72 10.50
C HIS B 167 -7.53 -19.29 10.05
N ASP B 168 -7.48 -20.22 9.10
CA ASP B 168 -8.68 -20.90 8.60
C ASP B 168 -9.05 -22.04 9.58
N PRO B 169 -10.25 -21.95 10.20
CA PRO B 169 -10.65 -23.03 11.11
C PRO B 169 -11.20 -24.26 10.37
N ILE B 170 -11.74 -24.03 9.18
CA ILE B 170 -12.31 -25.10 8.34
C ILE B 170 -11.21 -25.88 7.61
N LYS B 171 -10.07 -25.24 7.37
CA LYS B 171 -8.89 -25.88 6.76
C LYS B 171 -7.76 -25.77 7.78
N GLU B 172 -8.05 -26.24 8.98
CA GLU B 172 -7.13 -26.18 10.11
C GLU B 172 -5.83 -26.92 9.80
N ASP B 173 -5.95 -28.09 9.18
CA ASP B 173 -4.77 -28.90 8.78
C ASP B 173 -3.87 -28.10 7.84
N VAL B 174 -4.48 -27.39 6.87
CA VAL B 174 -3.73 -26.56 5.90
C VAL B 174 -3.04 -25.40 6.62
N TYR B 175 -3.73 -24.81 7.59
CA TYR B 175 -3.19 -23.68 8.36
C TYR B 175 -1.95 -24.06 9.18
N ARG B 176 -2.04 -25.16 9.93
CA ARG B 176 -0.92 -25.63 10.76
C ARG B 176 0.28 -25.91 9.91
N ASN B 177 0.01 -26.48 8.73
CA ASN B 177 1.02 -26.90 7.75
C ASN B 177 1.75 -25.72 7.06
N HIS B 178 1.01 -24.66 6.69
CA HIS B 178 1.57 -23.58 5.84
C HIS B 178 1.88 -22.20 6.52
N SER B 179 1.19 -21.85 7.59
CA SER B 179 1.38 -20.53 8.24
C SER B 179 2.81 -20.39 8.75
N ILE B 180 3.55 -19.41 8.22
CA ILE B 180 4.97 -19.24 8.60
C ILE B 180 5.21 -18.37 9.85
N PHE B 181 4.14 -17.89 10.47
CA PHE B 181 4.24 -17.05 11.68
C PHE B 181 3.30 -17.52 12.79
N LEU B 182 1.99 -17.35 12.61
CA LEU B 182 1.06 -17.62 13.71
C LEU B 182 1.16 -19.07 14.16
N ALA B 183 1.28 -19.99 13.22
CA ALA B 183 1.40 -21.42 13.55
C ALA B 183 2.69 -21.78 14.31
N ASP B 184 3.73 -20.97 14.14
CA ASP B 184 4.99 -21.14 14.84
C ASP B 184 4.87 -20.67 16.29
N ILE B 185 4.50 -19.41 16.47
CA ILE B 185 4.38 -18.82 17.82
C ILE B 185 3.22 -19.39 18.67
N ASN B 186 2.29 -20.11 18.05
CA ASN B 186 1.21 -20.83 18.77
C ASN B 186 1.44 -22.37 18.91
N GLN B 187 2.67 -22.84 18.62
CA GLN B 187 3.05 -24.25 18.80
C GLN B 187 2.14 -25.23 18.06
N GLU B 188 1.71 -24.86 16.86
CA GLU B 188 0.79 -25.71 16.10
C GLU B 188 1.51 -26.88 15.42
N ARG B 189 2.82 -26.75 15.22
CA ARG B 189 3.67 -27.77 14.58
C ARG B 189 4.34 -28.67 15.61
N GLY B 190 4.99 -28.04 16.59
CA GLY B 190 5.62 -28.75 17.70
C GLY B 190 5.78 -27.79 18.87
N ILE B 191 6.36 -28.26 19.96
CA ILE B 191 6.53 -27.42 21.15
C ILE B 191 7.98 -26.93 21.27
N ASN B 192 8.24 -25.74 20.75
CA ASN B 192 9.47 -25.03 21.04
C ASN B 192 9.50 -24.70 22.55
N GLU B 193 10.32 -25.44 23.30
CA GLU B 193 10.33 -25.36 24.77
C GLU B 193 10.73 -23.99 25.34
N SER B 194 11.43 -23.19 24.55
CA SER B 194 11.88 -21.86 25.02
C SER B 194 10.85 -20.74 24.71
N TYR B 195 9.95 -20.99 23.75
CA TYR B 195 8.80 -20.10 23.53
C TYR B 195 8.00 -20.06 24.83
N LYS B 196 7.64 -21.25 25.30
CA LYS B 196 6.94 -21.45 26.57
C LYS B 196 7.69 -20.81 27.75
N LYS B 197 8.94 -21.22 27.93
CA LYS B 197 9.79 -20.73 29.01
C LYS B 197 9.92 -19.20 28.96
N ASN B 198 10.01 -18.66 27.74
CA ASN B 198 10.18 -17.21 27.55
C ASN B 198 8.91 -16.42 27.84
N LEU B 199 7.77 -16.94 27.43
CA LEU B 199 6.49 -16.26 27.63
C LEU B 199 6.17 -16.21 29.11
N ALA B 201 8.07 -16.00 31.50
CA ALA B 201 8.99 -15.11 32.21
C ALA B 201 8.47 -13.67 32.30
N LEU B 202 7.38 -13.38 31.61
CA LEU B 202 6.71 -12.08 31.73
C LEU B 202 6.09 -11.98 33.12
N LYS B 203 6.11 -10.77 33.70
CA LYS B 203 5.43 -10.52 34.98
C LYS B 203 3.92 -10.43 34.76
N LYS B 204 3.51 -9.73 33.70
CA LYS B 204 2.10 -9.64 33.34
C LYS B 204 1.92 -9.59 31.81
N PHE B 205 0.93 -10.33 31.33
CA PHE B 205 0.56 -10.34 29.93
C PHE B 205 -0.89 -9.91 29.89
N VAL B 206 -1.10 -8.65 29.49
CA VAL B 206 -2.41 -8.01 29.51
C VAL B 206 -3.05 -8.04 28.11
N VAL B 208 -6.36 -6.67 25.97
CA VAL B 208 -7.50 -5.76 25.87
C VAL B 208 -8.38 -6.17 24.69
N LYS B 209 -9.67 -6.41 25.00
CA LYS B 209 -10.68 -6.78 24.01
C LYS B 209 -11.68 -5.63 23.86
N PHE B 210 -12.04 -5.34 22.61
CA PHE B 210 -12.98 -4.28 22.30
C PHE B 210 -14.32 -4.90 21.98
N LEU B 211 -15.33 -4.58 22.79
CA LEU B 211 -16.63 -5.25 22.69
C LEU B 211 -17.43 -4.87 21.43
N ASN B 212 -17.18 -3.68 20.86
CA ASN B 212 -17.84 -3.28 19.59
C ASN B 212 -16.91 -3.35 18.37
N ASP B 213 -15.89 -4.21 18.44
CA ASP B 213 -14.86 -4.28 17.40
C ASP B 213 -15.52 -4.74 16.12
N SER B 214 -15.32 -3.99 15.04
CA SER B 214 -15.83 -4.38 13.71
C SER B 214 -14.69 -4.69 12.75
N ILE B 215 -13.46 -4.79 13.28
CA ILE B 215 -12.27 -5.04 12.49
C ILE B 215 -11.82 -6.49 12.67
N VAL B 216 -11.80 -6.95 13.92
CA VAL B 216 -11.19 -8.23 14.23
C VAL B 216 -12.22 -9.33 14.20
N ASP B 217 -12.02 -10.28 13.29
CA ASP B 217 -12.90 -11.41 13.11
C ASP B 217 -12.06 -12.65 13.41
N PRO B 218 -12.40 -13.39 14.49
CA PRO B 218 -13.42 -13.13 15.51
C PRO B 218 -12.84 -12.29 16.66
N VAL B 219 -13.68 -11.47 17.29
CA VAL B 219 -13.20 -10.54 18.32
C VAL B 219 -12.50 -11.25 19.50
N ASP B 220 -12.89 -12.50 19.79
CA ASP B 220 -12.29 -13.21 20.94
C ASP B 220 -10.81 -13.55 20.74
N SER B 221 -10.32 -13.51 19.49
CA SER B 221 -8.88 -13.62 19.22
C SER B 221 -8.06 -12.63 20.07
N GLU B 222 -8.70 -11.52 20.47
CA GLU B 222 -8.08 -10.52 21.32
C GLU B 222 -7.88 -11.02 22.76
N TRP B 223 -8.61 -12.06 23.14
CA TRP B 223 -8.44 -12.77 24.40
C TRP B 223 -7.98 -14.21 24.16
N PHE B 224 -7.26 -14.41 23.04
CA PHE B 224 -6.64 -15.70 22.71
C PHE B 224 -7.66 -16.82 22.48
N GLY B 225 -8.88 -16.45 22.11
CA GLY B 225 -9.91 -17.42 21.76
C GLY B 225 -10.02 -17.51 20.25
N PHE B 226 -10.86 -18.42 19.76
CA PHE B 226 -11.06 -18.55 18.32
C PHE B 226 -12.30 -19.37 17.98
N TYR B 227 -12.64 -19.40 16.70
CA TYR B 227 -13.64 -20.36 16.18
C TYR B 227 -13.28 -21.79 16.57
N ARG B 228 -14.30 -22.60 16.88
CA ARG B 228 -14.09 -24.03 17.16
C ARG B 228 -13.61 -24.68 15.86
N SER B 229 -12.65 -25.59 15.97
CA SER B 229 -12.02 -26.18 14.79
C SER B 229 -13.03 -26.95 13.94
N GLY B 230 -13.01 -26.72 12.63
CA GLY B 230 -13.91 -27.41 11.69
C GLY B 230 -15.10 -26.59 11.17
N GLN B 231 -15.41 -25.49 11.84
CA GLN B 231 -16.47 -24.58 11.39
C GLN B 231 -16.07 -23.12 11.68
N ALA B 232 -16.96 -22.17 11.36
CA ALA B 232 -16.65 -20.73 11.53
C ALA B 232 -17.84 -19.89 12.00
N LYS B 233 -18.69 -20.48 12.85
CA LYS B 233 -19.81 -19.75 13.46
C LYS B 233 -19.54 -19.59 14.96
N GLU B 234 -19.32 -20.72 15.64
CA GLU B 234 -19.17 -20.72 17.09
C GLU B 234 -17.69 -20.58 17.48
N THR B 235 -17.45 -19.74 18.48
CA THR B 235 -16.10 -19.52 19.02
C THR B 235 -15.96 -20.20 20.37
N ILE B 236 -14.72 -20.32 20.84
CA ILE B 236 -14.45 -20.84 22.18
C ILE B 236 -13.31 -20.03 22.83
N PRO B 237 -13.41 -19.78 24.15
CA PRO B 237 -12.39 -18.96 24.84
C PRO B 237 -11.05 -19.66 25.01
N LEU B 238 -10.00 -18.90 25.31
CA LEU B 238 -8.65 -19.47 25.50
C LEU B 238 -8.68 -20.78 26.27
N GLN B 239 -9.37 -20.76 27.41
CA GLN B 239 -9.28 -21.83 28.39
C GLN B 239 -10.00 -23.11 28.04
N GLU B 240 -10.66 -23.16 26.89
CA GLU B 240 -11.25 -24.41 26.39
C GLU B 240 -10.49 -24.94 25.17
N THR B 241 -9.46 -24.22 24.71
CA THR B 241 -8.69 -24.62 23.52
C THR B 241 -7.57 -25.59 23.89
N SER B 242 -7.19 -26.43 22.94
CA SER B 242 -6.11 -27.39 23.17
C SER B 242 -4.78 -26.68 23.47
N LEU B 243 -4.61 -25.46 22.98
CA LEU B 243 -3.44 -24.63 23.32
C LEU B 243 -3.29 -24.45 24.84
N TYR B 244 -4.43 -24.40 25.53
CA TYR B 244 -4.49 -24.20 26.97
C TYR B 244 -4.58 -25.56 27.70
N THR B 245 -5.40 -26.49 27.19
CA THR B 245 -5.50 -27.87 27.69
C THR B 245 -4.11 -28.47 27.91
N GLN B 246 -3.36 -28.55 26.82
CA GLN B 246 -2.04 -29.21 26.78
C GLN B 246 -0.92 -28.26 27.21
N ASP B 247 -1.28 -26.99 27.44
CA ASP B 247 -0.36 -25.94 27.90
C ASP B 247 0.95 -25.87 27.11
N ARG B 248 0.83 -25.69 25.81
CA ARG B 248 1.97 -25.64 24.90
C ARG B 248 2.78 -24.34 25.05
N LEU B 249 2.14 -23.27 25.54
CA LEU B 249 2.83 -21.95 25.72
C LEU B 249 3.01 -21.54 27.18
N GLY B 250 2.54 -22.37 28.10
CA GLY B 250 2.57 -22.02 29.53
C GLY B 250 1.45 -21.09 29.94
N LEU B 251 0.45 -20.92 29.08
CA LEU B 251 -0.62 -19.95 29.36
C LEU B 251 -1.50 -20.36 30.56
N LYS B 252 -1.67 -21.67 30.77
CA LYS B 252 -2.42 -22.17 31.94
C LYS B 252 -1.68 -21.85 33.25
N GLU B 253 -0.39 -22.18 33.31
CA GLU B 253 0.43 -21.89 34.49
C GLU B 253 0.47 -20.39 34.76
N ASP B 255 -1.98 -18.23 33.85
CA ASP B 255 -3.33 -17.88 34.26
C ASP B 255 -3.51 -18.17 35.77
N ASN B 256 -3.16 -19.39 36.18
CA ASN B 256 -3.23 -19.80 37.59
C ASN B 256 -2.30 -18.98 38.49
N ALA B 257 -1.21 -18.48 37.93
CA ALA B 257 -0.27 -17.64 38.67
C ALA B 257 -0.70 -16.16 38.70
N GLY B 258 -1.79 -15.84 37.99
CA GLY B 258 -2.30 -14.46 37.91
C GLY B 258 -1.46 -13.57 37.00
N GLN B 259 -0.81 -14.18 36.02
CA GLN B 259 0.01 -13.43 35.06
C GLN B 259 -0.82 -12.94 33.85
N LEU B 260 -1.93 -13.59 33.55
CA LEU B 260 -2.82 -13.13 32.48
C LEU B 260 -3.88 -12.16 33.03
N VAL B 261 -3.91 -10.95 32.47
CA VAL B 261 -4.95 -9.98 32.78
C VAL B 261 -5.81 -9.73 31.55
N PHE B 262 -7.12 -9.91 31.71
CA PHE B 262 -8.09 -9.75 30.66
C PHE B 262 -8.92 -8.50 30.95
N LEU B 263 -8.85 -7.53 30.03
CA LEU B 263 -9.66 -6.30 30.11
C LEU B 263 -10.62 -6.20 28.90
N ALA B 264 -11.84 -5.75 29.17
CA ALA B 264 -12.80 -5.47 28.11
C ALA B 264 -13.20 -4.01 28.19
N THR B 265 -13.35 -3.40 27.02
CA THR B 265 -13.85 -2.04 26.93
C THR B 265 -14.87 -2.01 25.79
N GLU B 266 -15.81 -1.08 25.86
CA GLU B 266 -17.05 -1.16 25.06
C GLU B 266 -16.95 -0.66 23.60
N GLY B 267 -15.83 -0.05 23.23
CA GLY B 267 -15.70 0.60 21.93
C GLY B 267 -15.35 -0.29 20.75
N ASP B 268 -15.27 0.32 19.58
CA ASP B 268 -14.79 -0.36 18.38
C ASP B 268 -13.26 -0.42 18.45
N HIS B 269 -12.64 -1.11 17.51
CA HIS B 269 -11.18 -1.30 17.48
C HIS B 269 -10.35 -0.02 17.81
N LEU B 270 -9.49 -0.12 18.84
CA LEU B 270 -8.54 0.96 19.26
C LEU B 270 -9.25 2.27 19.68
N GLN B 271 -10.48 2.12 20.13
CA GLN B 271 -11.32 3.21 20.55
C GLN B 271 -11.37 3.14 22.09
N LEU B 272 -10.60 4.02 22.73
CA LEU B 272 -10.57 4.05 24.20
C LEU B 272 -10.38 5.48 24.72
N SER B 273 -10.95 5.75 25.90
CA SER B 273 -10.87 7.07 26.51
C SER B 273 -9.59 7.26 27.31
N GLU B 274 -9.19 8.53 27.51
CA GLU B 274 -8.01 8.85 28.34
C GLU B 274 -8.21 8.35 29.77
N GLU B 275 -9.41 8.55 30.32
CA GLU B 275 -9.72 8.13 31.70
C GLU B 275 -9.54 6.61 31.89
N TRP B 276 -10.06 5.82 30.94
CA TRP B 276 -9.95 4.35 31.00
C TRP B 276 -8.50 3.90 30.87
N PHE B 277 -7.75 4.58 30.01
CA PHE B 277 -6.34 4.29 29.78
C PHE B 277 -5.51 4.56 31.03
N TYR B 278 -5.66 5.77 31.58
CA TYR B 278 -4.96 6.17 32.81
C TYR B 278 -5.28 5.21 33.94
N ALA B 279 -6.54 4.79 34.01
CA ALA B 279 -7.00 3.91 35.07
C ALA B 279 -6.48 2.48 34.96
N HIS B 280 -6.52 1.90 33.75
CA HIS B 280 -6.24 0.46 33.56
C HIS B 280 -4.92 0.10 32.89
N ILE B 281 -4.39 0.95 32.02
CA ILE B 281 -3.16 0.60 31.32
C ILE B 281 -1.91 1.14 32.03
N ILE B 282 -1.91 2.43 32.36
CA ILE B 282 -0.77 3.07 33.04
C ILE B 282 -0.18 2.31 34.25
N PRO B 283 -1.03 1.72 35.13
CA PRO B 283 -0.53 0.94 36.27
C PRO B 283 0.45 -0.19 35.93
N PHE B 284 0.33 -0.77 34.74
CA PHE B 284 1.29 -1.77 34.26
C PHE B 284 2.58 -1.15 33.72
N LEU B 285 2.57 0.16 33.45
CA LEU B 285 3.75 0.84 32.99
C LEU B 285 4.44 1.44 34.21
#